data_3N4S
#
_entry.id   3N4S
#
_cell.length_a   69.975
_cell.length_b   134.044
_cell.length_c   54.419
_cell.angle_alpha   90.00
_cell.angle_beta   90.00
_cell.angle_gamma   90.00
#
_symmetry.space_group_name_H-M   'P 21 21 2'
#
loop_
_entity.id
_entity.type
_entity.pdbx_description
1 polymer 'Monopolin complex subunit CSM1'
2 non-polymer 'PENTAETHYLENE GLYCOL'
3 water water
#
_entity_poly.entity_id   1
_entity_poly.type   'polypeptide(L)'
_entity_poly.pdbx_seq_one_letter_code
;SNAENSEVIKDLYEYLCNVRVHKSYEDDSGLWFDISQGTHSGGSSDDYSIMDYKLGFVKGQAQVTEVIYAPVLKQRSTEE
LYSLQSKLPEYLFETLSFPLSSLNQFYNKIAKSLNK
;
_entity_poly.pdbx_strand_id   A,B,C,D
#
loop_
_chem_comp.id
_chem_comp.type
_chem_comp.name
_chem_comp.formula
1PE non-polymer 'PENTAETHYLENE GLYCOL' 'C10 H22 O6'
#
# COMPACT_ATOMS: atom_id res chain seq x y z
N ASN A 5 -4.16 -12.32 18.72
CA ASN A 5 -3.88 -13.75 18.78
C ASN A 5 -4.47 -14.48 17.57
N SER A 6 -5.80 -14.59 17.54
CA SER A 6 -6.53 -15.08 16.36
C SER A 6 -6.56 -14.02 15.26
N GLU A 7 -6.35 -12.76 15.64
CA GLU A 7 -6.16 -11.68 14.67
C GLU A 7 -4.83 -11.80 13.94
N VAL A 8 -3.83 -12.34 14.63
CA VAL A 8 -2.51 -12.60 14.03
C VAL A 8 -2.59 -13.74 13.01
N ILE A 9 -3.19 -14.86 13.43
CA ILE A 9 -3.41 -16.00 12.55
C ILE A 9 -4.18 -15.55 11.30
N LYS A 10 -5.18 -14.69 11.51
CA LYS A 10 -5.97 -14.15 10.41
C LYS A 10 -5.11 -13.33 9.44
N ASP A 11 -4.25 -12.47 10.00
CA ASP A 11 -3.30 -11.70 9.20
C ASP A 11 -2.44 -12.66 8.39
N LEU A 12 -1.98 -13.72 9.05
CA LEU A 12 -1.15 -14.72 8.40
C LEU A 12 -1.87 -15.37 7.22
N TYR A 13 -3.09 -15.82 7.46
CA TYR A 13 -3.93 -16.39 6.42
C TYR A 13 -4.07 -15.41 5.25
N GLU A 14 -4.24 -14.12 5.57
CA GLU A 14 -4.38 -13.12 4.52
C GLU A 14 -3.14 -12.98 3.64
N TYR A 15 -1.97 -13.06 4.27
CA TYR A 15 -0.71 -12.89 3.54
C TYR A 15 -0.29 -14.17 2.84
N LEU A 16 -0.60 -15.30 3.48
CA LEU A 16 -0.27 -16.61 2.95
C LEU A 16 -1.19 -16.97 1.78
N CYS A 17 -2.48 -16.72 1.97
CA CYS A 17 -3.50 -17.22 1.06
C CYS A 17 -4.28 -16.12 0.33
N ASN A 18 -4.04 -14.86 0.67
CA ASN A 18 -4.71 -13.74 0.01
C ASN A 18 -6.23 -13.82 0.11
N VAL A 19 -6.71 -14.36 1.24
CA VAL A 19 -8.14 -14.47 1.48
C VAL A 19 -8.44 -14.07 2.93
N ARG A 20 -9.49 -13.26 3.10
CA ARG A 20 -9.89 -12.73 4.40
C ARG A 20 -11.36 -13.04 4.64
N VAL A 21 -11.66 -13.71 5.74
CA VAL A 21 -13.06 -13.96 6.15
C VAL A 21 -13.46 -12.84 7.10
N HIS A 22 -14.17 -11.86 6.56
CA HIS A 22 -14.51 -10.65 7.30
C HIS A 22 -15.38 -10.96 8.49
N LYS A 23 -16.46 -11.66 8.23
CA LYS A 23 -17.36 -12.05 9.29
C LYS A 23 -18.17 -13.27 8.96
N SER A 24 -18.90 -13.72 9.97
CA SER A 24 -19.70 -14.92 9.90
C SER A 24 -21.01 -14.54 10.54
N TYR A 25 -22.11 -14.95 9.92
CA TYR A 25 -23.42 -14.71 10.49
C TYR A 25 -24.35 -15.81 10.05
N GLU A 26 -25.19 -16.22 10.98
CA GLU A 26 -26.06 -17.36 10.84
C GLU A 26 -27.47 -16.81 10.68
N ASP A 27 -28.15 -17.20 9.60
CA ASP A 27 -29.51 -16.74 9.37
C ASP A 27 -30.39 -17.88 8.89
N SER A 29 -30.64 -19.45 4.01
CA SER A 29 -30.76 -19.43 5.47
C SER A 29 -29.92 -20.53 6.09
N GLY A 30 -28.89 -20.13 6.82
CA GLY A 30 -27.99 -21.06 7.47
C GLY A 30 -26.77 -20.34 8.00
N LEU A 31 -25.59 -20.86 7.68
CA LEU A 31 -24.35 -20.25 8.14
C LEU A 31 -23.60 -19.60 6.97
N TRP A 32 -23.42 -18.29 7.05
CA TRP A 32 -22.85 -17.52 5.94
C TRP A 32 -21.53 -16.82 6.27
N PHE A 33 -20.66 -16.75 5.27
CA PHE A 33 -19.34 -16.16 5.43
C PHE A 33 -19.02 -15.12 4.35
N ASP A 34 -18.69 -13.91 4.78
CA ASP A 34 -18.26 -12.87 3.87
C ASP A 34 -16.77 -13.02 3.57
N ILE A 35 -16.45 -13.11 2.29
CA ILE A 35 -15.10 -13.39 1.87
C ILE A 35 -14.57 -12.32 0.93
N SER A 36 -13.30 -11.97 1.10
CA SER A 36 -12.59 -11.21 0.09
C SER A 36 -11.38 -12.02 -0.36
N GLN A 37 -11.16 -12.03 -1.66
CA GLN A 37 -9.98 -12.66 -2.22
C GLN A 37 -9.42 -11.65 -3.22
N GLY A 38 -8.13 -11.36 -3.09
CA GLY A 38 -7.49 -10.40 -3.95
C GLY A 38 -6.11 -10.86 -4.39
N THR A 39 -5.33 -9.92 -4.93
CA THR A 39 -3.95 -10.18 -5.31
C THR A 39 -3.07 -9.02 -4.81
N ASP A 47 -1.40 -3.03 -10.21
CA ASP A 47 -2.75 -3.53 -10.41
C ASP A 47 -3.04 -4.73 -9.50
N TYR A 48 -4.22 -4.73 -8.91
CA TYR A 48 -4.66 -5.81 -8.05
C TYR A 48 -6.12 -6.06 -8.35
N SER A 49 -6.53 -7.32 -8.24
CA SER A 49 -7.94 -7.65 -8.40
C SER A 49 -8.51 -8.16 -7.09
N ILE A 50 -9.69 -7.65 -6.75
CA ILE A 50 -10.41 -8.12 -5.58
C ILE A 50 -11.75 -8.69 -6.02
N MET A 51 -12.06 -9.88 -5.50
CA MET A 51 -13.37 -10.47 -5.70
C MET A 51 -14.01 -10.72 -4.35
N ASP A 52 -15.16 -10.10 -4.12
CA ASP A 52 -15.95 -10.37 -2.94
C ASP A 52 -16.93 -11.49 -3.26
N TYR A 53 -17.16 -12.37 -2.30
CA TYR A 53 -18.20 -13.37 -2.43
C TYR A 53 -18.68 -13.83 -1.07
N LYS A 54 -19.72 -14.65 -1.08
CA LYS A 54 -20.26 -15.25 0.12
C LYS A 54 -20.16 -16.77 0.03
N LEU A 55 -19.96 -17.41 1.17
CA LEU A 55 -20.05 -18.87 1.25
C LEU A 55 -21.14 -19.22 2.27
N GLY A 56 -22.15 -19.96 1.79
CA GLY A 56 -23.24 -20.39 2.65
C GLY A 56 -23.18 -21.90 2.85
N PHE A 57 -23.59 -22.36 4.03
CA PHE A 57 -23.46 -23.78 4.33
C PHE A 57 -24.79 -24.48 4.64
N VAL A 58 -25.11 -25.45 3.79
CA VAL A 58 -26.31 -26.29 3.93
C VAL A 58 -26.12 -27.55 3.11
N THR A 65 -22.53 -32.43 3.21
CA THR A 65 -22.75 -31.00 3.22
C THR A 65 -22.39 -30.33 1.89
N GLU A 66 -23.17 -29.33 1.51
CA GLU A 66 -22.92 -28.58 0.30
C GLU A 66 -22.52 -27.14 0.62
N VAL A 67 -21.91 -26.46 -0.34
CA VAL A 67 -21.55 -25.06 -0.18
C VAL A 67 -22.32 -24.24 -1.22
N ILE A 68 -22.82 -23.08 -0.82
CA ILE A 68 -23.37 -22.13 -1.78
C ILE A 68 -22.42 -20.96 -1.95
N TYR A 69 -22.13 -20.64 -3.21
CA TYR A 69 -21.26 -19.53 -3.54
C TYR A 69 -22.10 -18.45 -4.22
N ALA A 70 -22.04 -17.24 -3.70
CA ALA A 70 -22.74 -16.10 -4.29
C ALA A 70 -21.78 -14.94 -4.50
N PRO A 71 -21.58 -14.55 -5.76
CA PRO A 71 -20.73 -13.37 -6.01
C PRO A 71 -21.32 -12.16 -5.30
N VAL A 72 -20.46 -11.25 -4.86
CA VAL A 72 -20.89 -9.98 -4.27
C VAL A 72 -20.15 -8.88 -5.01
N LEU A 73 -20.81 -8.29 -6.01
CA LEU A 73 -20.17 -7.37 -6.94
C LEU A 73 -20.54 -5.91 -6.67
N LYS A 74 -21.31 -5.68 -5.62
CA LYS A 74 -21.92 -4.37 -5.37
C LYS A 74 -20.93 -3.25 -5.04
N GLN A 75 -19.71 -3.60 -4.67
CA GLN A 75 -18.70 -2.58 -4.36
C GLN A 75 -17.61 -2.46 -5.44
N ARG A 76 -17.76 -3.22 -6.52
CA ARG A 76 -16.89 -3.03 -7.68
C ARG A 76 -17.29 -1.80 -8.45
N SER A 77 -16.30 -1.11 -9.02
CA SER A 77 -16.56 -0.10 -10.03
C SER A 77 -16.80 -0.82 -11.37
N THR A 78 -17.36 -0.10 -12.34
CA THR A 78 -17.58 -0.63 -13.68
C THR A 78 -16.24 -1.03 -14.32
N GLU A 79 -15.21 -0.25 -13.99
CA GLU A 79 -13.86 -0.46 -14.47
C GLU A 79 -13.31 -1.80 -13.98
N GLU A 80 -13.61 -2.11 -12.73
CA GLU A 80 -13.16 -3.35 -12.10
C GLU A 80 -13.94 -4.56 -12.63
N LEU A 81 -15.25 -4.37 -12.82
CA LEU A 81 -16.11 -5.42 -13.37
C LEU A 81 -15.58 -5.89 -14.71
N TYR A 82 -15.37 -4.94 -15.61
CA TYR A 82 -14.80 -5.22 -16.92
C TYR A 82 -13.46 -5.95 -16.82
N SER A 83 -12.63 -5.51 -15.90
CA SER A 83 -11.32 -6.13 -15.67
C SER A 83 -11.48 -7.56 -15.14
N LEU A 84 -12.38 -7.73 -14.19
CA LEU A 84 -12.69 -9.04 -13.61
C LEU A 84 -13.35 -9.93 -14.64
N GLN A 85 -14.12 -9.31 -15.51
CA GLN A 85 -14.87 -10.04 -16.54
C GLN A 85 -13.92 -10.66 -17.57
N SER A 86 -12.78 -10.01 -17.80
CA SER A 86 -11.84 -10.40 -18.84
C SER A 86 -10.95 -11.59 -18.46
N LYS A 87 -11.02 -12.00 -17.19
CA LYS A 87 -10.14 -13.06 -16.68
C LYS A 87 -10.88 -14.04 -15.77
N LEU A 88 -12.03 -13.64 -15.27
CA LEU A 88 -12.86 -14.58 -14.52
C LEU A 88 -13.82 -15.32 -15.45
N PRO A 89 -13.94 -16.64 -15.26
CA PRO A 89 -14.88 -17.49 -15.99
C PRO A 89 -16.33 -17.18 -15.61
N GLU A 90 -17.19 -17.04 -16.60
CA GLU A 90 -18.59 -16.69 -16.39
C GLU A 90 -19.23 -17.21 -15.09
N TYR A 91 -19.00 -18.47 -14.77
CA TYR A 91 -19.67 -19.11 -13.63
C TYR A 91 -19.39 -18.44 -12.27
N LEU A 92 -18.30 -17.69 -12.18
CA LEU A 92 -17.96 -16.99 -10.94
C LEU A 92 -18.78 -15.71 -10.75
N PHE A 93 -19.63 -15.41 -11.72
CA PHE A 93 -20.57 -14.29 -11.64
C PHE A 93 -21.98 -14.83 -11.39
N GLU A 94 -22.07 -16.14 -11.21
CA GLU A 94 -23.33 -16.77 -10.90
C GLU A 94 -23.28 -17.39 -9.51
N THR A 95 -24.45 -17.62 -8.93
CA THR A 95 -24.58 -18.37 -7.70
C THR A 95 -24.43 -19.85 -8.06
N LEU A 96 -23.57 -20.54 -7.33
CA LEU A 96 -23.32 -21.94 -7.59
C LEU A 96 -23.42 -22.73 -6.29
N SER A 97 -23.66 -24.03 -6.42
CA SER A 97 -23.66 -24.95 -5.30
C SER A 97 -22.68 -26.06 -5.62
N PHE A 98 -22.03 -26.60 -4.59
CA PHE A 98 -21.07 -27.69 -4.77
C PHE A 98 -20.67 -28.26 -3.42
N PRO A 99 -20.12 -29.49 -3.43
CA PRO A 99 -19.73 -30.18 -2.20
C PRO A 99 -18.47 -29.60 -1.56
N LEU A 100 -18.40 -29.78 -0.24
CA LEU A 100 -17.27 -29.31 0.55
C LEU A 100 -15.97 -29.89 0.02
N SER A 101 -16.07 -31.10 -0.54
CA SER A 101 -14.92 -31.83 -1.05
C SER A 101 -14.23 -31.11 -2.21
N SER A 102 -14.84 -30.01 -2.65
CA SER A 102 -14.39 -29.28 -3.84
C SER A 102 -14.20 -27.79 -3.55
N LEU A 103 -14.43 -27.38 -2.30
CA LEU A 103 -14.20 -26.00 -1.88
C LEU A 103 -12.80 -25.49 -2.23
N ASN A 104 -11.79 -26.29 -1.89
CA ASN A 104 -10.39 -25.90 -2.08
C ASN A 104 -10.00 -25.66 -3.53
N GLN A 105 -10.40 -26.56 -4.43
CA GLN A 105 -10.10 -26.40 -5.85
C GLN A 105 -10.74 -25.12 -6.36
N PHE A 106 -11.89 -24.78 -5.79
CA PHE A 106 -12.64 -23.59 -6.14
C PHE A 106 -11.87 -22.34 -5.75
N TYR A 107 -11.46 -22.28 -4.49
CA TYR A 107 -10.57 -21.22 -4.02
C TYR A 107 -9.39 -21.11 -4.96
N ASN A 108 -8.89 -22.26 -5.40
CA ASN A 108 -7.77 -22.31 -6.32
C ASN A 108 -8.08 -21.71 -7.68
N LYS A 109 -9.26 -22.00 -8.22
CA LYS A 109 -9.66 -21.43 -9.51
C LYS A 109 -9.71 -19.92 -9.43
N ILE A 110 -10.31 -19.40 -8.36
CA ILE A 110 -10.41 -17.96 -8.15
C ILE A 110 -9.03 -17.33 -8.07
N ALA A 111 -8.16 -17.91 -7.26
CA ALA A 111 -6.79 -17.44 -7.12
C ALA A 111 -6.09 -17.37 -8.48
N LYS A 112 -6.18 -18.45 -9.25
CA LYS A 112 -5.57 -18.50 -10.58
C LYS A 112 -6.11 -17.39 -11.47
N SER A 113 -7.42 -17.22 -11.45
CA SER A 113 -8.10 -16.26 -12.31
C SER A 113 -7.70 -14.82 -12.00
N LEU A 114 -7.60 -14.51 -10.71
CA LEU A 114 -7.18 -13.18 -10.24
C LEU A 114 -5.71 -12.92 -10.52
N ASN A 115 -4.91 -13.99 -10.51
CA ASN A 115 -3.48 -13.90 -10.75
C ASN A 115 -3.14 -13.95 -12.24
N LYS A 116 -3.54 -12.91 -12.96
CA LYS A 116 -3.26 -12.81 -14.39
C LYS A 116 -2.61 -11.47 -14.73
N ASN B 5 -15.86 -18.88 18.89
CA ASN B 5 -16.59 -18.91 17.61
C ASN B 5 -15.83 -18.25 16.46
N SER B 6 -14.62 -17.79 16.73
CA SER B 6 -13.67 -17.47 15.67
C SER B 6 -12.98 -18.78 15.32
N GLU B 7 -13.54 -19.86 15.85
CA GLU B 7 -13.06 -21.22 15.62
C GLU B 7 -13.76 -21.86 14.43
N VAL B 8 -15.04 -21.56 14.25
CA VAL B 8 -15.74 -22.02 13.05
C VAL B 8 -15.11 -21.34 11.83
N ILE B 9 -14.59 -20.13 12.05
CA ILE B 9 -13.88 -19.38 11.01
C ILE B 9 -12.51 -20.00 10.72
N LYS B 10 -11.87 -20.53 11.75
CA LYS B 10 -10.57 -21.16 11.60
C LYS B 10 -10.70 -22.42 10.74
N ASP B 11 -11.77 -23.19 10.97
CA ASP B 11 -12.05 -24.41 10.22
C ASP B 11 -12.38 -24.12 8.74
N LEU B 12 -12.90 -22.93 8.48
CA LEU B 12 -13.21 -22.49 7.12
C LEU B 12 -11.95 -22.22 6.31
N TYR B 13 -11.03 -21.47 6.88
CA TYR B 13 -9.73 -21.24 6.28
C TYR B 13 -9.10 -22.59 5.93
N GLU B 14 -9.19 -23.53 6.87
CA GLU B 14 -8.53 -24.82 6.73
C GLU B 14 -9.09 -25.65 5.59
N TYR B 15 -10.42 -25.66 5.43
CA TYR B 15 -11.06 -26.33 4.30
C TYR B 15 -10.77 -25.60 3.00
N LEU B 16 -10.82 -24.28 3.07
CA LEU B 16 -10.77 -23.42 1.88
C LEU B 16 -9.36 -23.35 1.30
N CYS B 17 -8.38 -23.21 2.18
CA CYS B 17 -7.00 -22.97 1.78
C CYS B 17 -6.13 -24.22 1.94
N ASN B 18 -6.68 -25.27 2.55
CA ASN B 18 -5.92 -26.50 2.77
C ASN B 18 -4.65 -26.25 3.57
N VAL B 19 -4.77 -25.47 4.64
CA VAL B 19 -3.60 -25.14 5.44
C VAL B 19 -4.00 -24.81 6.89
N ARG B 20 -3.26 -25.38 7.83
CA ARG B 20 -3.45 -25.08 9.24
C ARG B 20 -2.32 -24.19 9.71
N VAL B 21 -2.64 -23.16 10.49
CA VAL B 21 -1.65 -22.23 11.00
C VAL B 21 -1.73 -22.16 12.50
N HIS B 22 -0.60 -22.36 13.17
CA HIS B 22 -0.55 -22.28 14.62
C HIS B 22 0.67 -21.48 15.08
N LYS B 23 0.53 -20.78 16.19
CA LYS B 23 1.68 -20.13 16.79
C LYS B 23 2.67 -21.21 17.18
N SER B 24 3.96 -20.92 17.05
CA SER B 24 4.98 -21.89 17.40
C SER B 24 4.97 -22.22 18.89
N TYR B 25 4.84 -23.50 19.18
CA TYR B 25 4.86 -24.08 20.52
C TYR B 25 6.20 -23.89 21.23
N GLU B 26 7.28 -23.99 20.47
CA GLU B 26 8.63 -23.94 21.04
C GLU B 26 9.14 -22.50 21.18
N ASP B 27 8.51 -21.59 20.44
CA ASP B 27 8.86 -20.18 20.42
C ASP B 27 7.84 -19.36 21.23
N ASP B 28 8.28 -18.20 21.72
CA ASP B 28 7.47 -17.34 22.57
C ASP B 28 7.56 -15.85 22.17
N SER B 29 8.27 -15.57 21.08
CA SER B 29 8.50 -14.20 20.61
C SER B 29 7.32 -13.69 19.80
N GLY B 30 6.44 -14.61 19.39
CA GLY B 30 5.29 -14.28 18.58
C GLY B 30 5.64 -14.11 17.11
N LEU B 31 6.80 -14.60 16.72
CA LEU B 31 7.32 -14.39 15.37
C LEU B 31 7.37 -15.68 14.55
N TRP B 32 7.23 -16.82 15.23
CA TRP B 32 7.30 -18.13 14.55
C TRP B 32 5.97 -18.85 14.46
N PHE B 33 5.76 -19.55 13.35
CA PHE B 33 4.50 -20.21 13.10
C PHE B 33 4.66 -21.61 12.51
N ASP B 34 3.90 -22.55 13.06
CA ASP B 34 3.84 -23.90 12.55
C ASP B 34 2.77 -23.96 11.48
N ILE B 35 3.13 -24.47 10.31
CA ILE B 35 2.20 -24.50 9.20
C ILE B 35 2.08 -25.90 8.61
N SER B 36 0.84 -26.32 8.38
CA SER B 36 0.55 -27.64 7.86
C SER B 36 -0.27 -27.47 6.60
N GLN B 37 0.36 -27.73 5.46
CA GLN B 37 -0.29 -27.59 4.16
C GLN B 37 -0.39 -28.98 3.53
N GLY B 38 -1.57 -29.34 3.02
CA GLY B 38 -1.69 -30.61 2.32
C GLY B 38 -3.05 -31.25 2.17
N THR B 39 -3.17 -32.04 1.10
CA THR B 39 -4.40 -32.76 0.79
C THR B 39 -4.13 -34.26 0.63
N SER B 49 -0.56 -36.60 1.74
CA SER B 49 0.22 -35.69 0.92
C SER B 49 0.34 -34.35 1.64
N ILE B 50 1.18 -34.31 2.66
CA ILE B 50 1.30 -33.14 3.52
C ILE B 50 2.72 -32.61 3.61
N MET B 51 2.84 -31.29 3.72
CA MET B 51 4.12 -30.64 3.98
C MET B 51 4.02 -29.72 5.19
N ASP B 52 4.79 -30.03 6.23
CA ASP B 52 4.86 -29.20 7.42
C ASP B 52 6.04 -28.24 7.30
N TYR B 53 5.90 -27.05 7.87
CA TYR B 53 7.02 -26.12 7.91
C TYR B 53 6.80 -25.02 8.91
N LYS B 54 7.82 -24.17 9.04
CA LYS B 54 7.76 -23.03 9.92
C LYS B 54 7.90 -21.76 9.10
N LEU B 55 7.29 -20.69 9.59
CA LEU B 55 7.48 -19.38 9.02
C LEU B 55 7.90 -18.42 10.13
N GLY B 56 9.03 -17.74 9.90
CA GLY B 56 9.51 -16.74 10.84
C GLY B 56 9.43 -15.37 10.20
N PHE B 57 9.02 -14.38 11.00
CA PHE B 57 8.84 -13.04 10.46
C PHE B 57 9.83 -12.04 11.05
N VAL B 58 10.68 -11.51 10.19
CA VAL B 58 11.77 -10.64 10.59
C VAL B 58 11.60 -9.26 9.99
N LYS B 59 11.51 -8.26 10.85
CA LYS B 59 11.38 -6.89 10.38
C LYS B 59 12.58 -6.05 10.82
N GLY B 60 12.35 -4.78 11.16
CA GLY B 60 13.41 -3.86 11.54
C GLY B 60 14.29 -3.57 10.35
N GLN B 61 15.53 -3.15 10.58
CA GLN B 61 16.47 -3.04 9.47
C GLN B 61 15.93 -2.01 8.48
N ALA B 62 15.51 -2.48 7.30
CA ALA B 62 14.90 -1.59 6.31
C ALA B 62 13.39 -1.51 6.47
N GLN B 63 12.89 -2.00 7.61
CA GLN B 63 11.49 -1.80 7.97
C GLN B 63 10.54 -2.55 7.05
N VAL B 64 11.08 -3.50 6.30
CA VAL B 64 10.23 -4.38 5.48
C VAL B 64 10.34 -5.80 6.01
N THR B 65 9.19 -6.46 6.15
CA THR B 65 9.15 -7.80 6.73
C THR B 65 9.80 -8.82 5.81
N GLU B 66 10.71 -9.60 6.38
CA GLU B 66 11.31 -10.73 5.69
C GLU B 66 10.70 -11.99 6.26
N VAL B 67 10.48 -12.98 5.41
CA VAL B 67 9.91 -14.25 5.84
C VAL B 67 10.96 -15.34 5.73
N ILE B 68 11.19 -16.05 6.83
CA ILE B 68 12.00 -17.25 6.75
C ILE B 68 11.14 -18.49 6.78
N TYR B 69 11.54 -19.46 5.96
CA TYR B 69 10.86 -20.71 5.82
C TYR B 69 11.82 -21.82 6.26
N ALA B 70 11.38 -22.66 7.19
CA ALA B 70 12.15 -23.82 7.62
C ALA B 70 11.29 -25.08 7.57
N PRO B 71 11.60 -25.98 6.63
CA PRO B 71 10.84 -27.23 6.43
C PRO B 71 10.95 -28.15 7.64
N VAL B 72 9.83 -28.80 7.99
CA VAL B 72 9.74 -29.68 9.15
C VAL B 72 9.48 -31.10 8.67
N LEU B 73 10.42 -32.02 8.89
CA LEU B 73 10.40 -33.31 8.22
C LEU B 73 10.14 -34.53 9.13
N LYS B 74 10.32 -34.37 10.43
CA LYS B 74 10.19 -35.48 11.36
C LYS B 74 8.81 -36.16 11.35
N GLN B 75 7.76 -35.35 11.29
CA GLN B 75 6.40 -35.89 11.34
C GLN B 75 6.10 -36.67 10.07
N ARG B 76 7.16 -36.86 9.27
CA ARG B 76 7.07 -37.61 8.03
C ARG B 76 7.62 -39.03 8.18
N SER B 77 6.81 -40.01 7.79
CA SER B 77 7.30 -41.38 7.61
C SER B 77 8.34 -41.37 6.50
N THR B 78 9.05 -42.49 6.34
CA THR B 78 9.99 -42.66 5.25
C THR B 78 9.27 -42.60 3.91
N GLU B 79 8.02 -43.07 3.92
CA GLU B 79 7.21 -43.19 2.72
C GLU B 79 6.65 -41.84 2.26
N GLU B 80 6.20 -41.04 3.23
CA GLU B 80 5.77 -39.67 2.97
C GLU B 80 6.94 -38.89 2.39
N LEU B 81 8.07 -38.97 3.09
CA LEU B 81 9.30 -38.27 2.73
C LEU B 81 9.70 -38.61 1.30
N TYR B 82 9.63 -39.89 0.99
CA TYR B 82 9.94 -40.38 -0.35
C TYR B 82 8.97 -39.81 -1.37
N SER B 83 7.71 -39.69 -0.96
CA SER B 83 6.65 -39.18 -1.83
C SER B 83 6.88 -37.70 -2.15
N LEU B 84 7.35 -36.96 -1.14
CA LEU B 84 7.58 -35.53 -1.29
C LEU B 84 8.80 -35.26 -2.15
N GLN B 85 9.85 -36.07 -1.98
CA GLN B 85 11.08 -35.91 -2.74
C GLN B 85 10.82 -36.01 -4.24
N SER B 86 9.83 -36.82 -4.59
CA SER B 86 9.43 -36.99 -5.98
C SER B 86 8.76 -35.74 -6.56
N LYS B 87 7.74 -35.24 -5.86
CA LYS B 87 6.88 -34.17 -6.40
C LYS B 87 7.19 -32.73 -5.95
N LEU B 88 8.07 -32.57 -4.96
CA LEU B 88 8.47 -31.25 -4.52
C LEU B 88 9.82 -30.82 -5.12
N PRO B 89 9.92 -29.55 -5.53
CA PRO B 89 11.21 -29.02 -6.00
C PRO B 89 12.25 -29.03 -4.87
N GLU B 90 13.52 -29.14 -5.23
CA GLU B 90 14.61 -29.28 -4.27
C GLU B 90 14.60 -28.22 -3.15
N TYR B 91 14.42 -26.95 -3.54
CA TYR B 91 14.56 -25.82 -2.62
C TYR B 91 13.57 -25.83 -1.43
N LEU B 92 12.50 -26.62 -1.56
CA LEU B 92 11.52 -26.73 -0.50
C LEU B 92 12.04 -27.58 0.67
N PHE B 93 13.21 -28.17 0.49
CA PHE B 93 13.82 -29.00 1.53
C PHE B 93 14.96 -28.26 2.23
N GLU B 94 15.15 -27.00 1.85
CA GLU B 94 16.15 -26.16 2.50
C GLU B 94 15.52 -24.90 3.07
N THR B 95 16.20 -24.29 4.04
CA THR B 95 15.74 -23.06 4.67
C THR B 95 15.80 -21.90 3.67
N LEU B 96 14.70 -21.15 3.60
CA LEU B 96 14.61 -20.07 2.63
C LEU B 96 14.27 -18.73 3.26
N SER B 97 14.40 -17.68 2.45
CA SER B 97 14.28 -16.32 2.92
C SER B 97 13.71 -15.50 1.77
N PHE B 98 12.66 -14.73 2.04
CA PHE B 98 12.02 -13.95 0.99
C PHE B 98 11.15 -12.85 1.58
N PRO B 99 10.82 -11.83 0.76
CA PRO B 99 9.99 -10.75 1.28
C PRO B 99 8.57 -11.24 1.50
N LEU B 100 7.93 -10.69 2.53
CA LEU B 100 6.52 -10.96 2.84
C LEU B 100 5.63 -10.89 1.59
N SER B 101 5.97 -9.99 0.68
CA SER B 101 5.15 -9.75 -0.52
C SER B 101 5.16 -10.95 -1.48
N SER B 102 6.16 -11.82 -1.34
CA SER B 102 6.30 -13.00 -2.18
C SER B 102 5.75 -14.24 -1.49
N LEU B 103 5.23 -14.04 -0.28
CA LEU B 103 4.77 -15.17 0.55
C LEU B 103 3.61 -15.97 -0.07
N ASN B 104 2.57 -15.28 -0.55
CA ASN B 104 1.44 -15.95 -1.19
C ASN B 104 1.85 -16.79 -2.40
N GLN B 105 2.73 -16.21 -3.22
CA GLN B 105 3.27 -16.91 -4.39
C GLN B 105 4.02 -18.18 -3.99
N PHE B 106 4.69 -18.12 -2.84
CA PHE B 106 5.42 -19.26 -2.28
C PHE B 106 4.43 -20.32 -1.83
N TYR B 107 3.37 -19.86 -1.16
CA TYR B 107 2.26 -20.73 -0.78
C TYR B 107 1.65 -21.41 -2.01
N ASN B 108 1.55 -20.67 -3.10
CA ASN B 108 1.03 -21.18 -4.37
C ASN B 108 1.93 -22.26 -4.97
N LYS B 109 3.24 -22.04 -4.91
CA LYS B 109 4.21 -23.03 -5.34
C LYS B 109 4.01 -24.37 -4.63
N ILE B 110 3.92 -24.29 -3.31
CA ILE B 110 3.75 -25.47 -2.46
C ILE B 110 2.43 -26.18 -2.75
N ALA B 111 1.38 -25.39 -2.97
CA ALA B 111 0.06 -25.93 -3.28
C ALA B 111 0.04 -26.75 -4.57
N LYS B 112 0.62 -26.18 -5.63
CA LYS B 112 0.70 -26.89 -6.92
C LYS B 112 1.54 -28.15 -6.79
N SER B 113 2.70 -28.02 -6.17
CA SER B 113 3.63 -29.14 -6.00
C SER B 113 2.96 -30.35 -5.34
N LEU B 114 2.08 -30.07 -4.38
CA LEU B 114 1.38 -31.11 -3.61
C LEU B 114 0.18 -31.72 -4.35
N ASN B 115 -0.43 -30.95 -5.26
CA ASN B 115 -1.61 -31.42 -5.98
C ASN B 115 -1.31 -32.45 -7.08
N ASN C 5 1.30 30.78 13.52
CA ASN C 5 0.08 30.01 13.36
C ASN C 5 -0.12 29.60 11.90
N SER C 6 -0.30 30.59 11.04
CA SER C 6 -0.33 30.37 9.59
C SER C 6 1.11 30.37 9.08
N GLU C 7 2.01 30.87 9.92
CA GLU C 7 3.43 30.90 9.62
C GLU C 7 4.08 29.57 9.99
N VAL C 8 3.53 28.92 11.02
CA VAL C 8 3.94 27.56 11.39
C VAL C 8 3.53 26.55 10.31
N ILE C 9 2.31 26.67 9.80
CA ILE C 9 1.85 25.85 8.67
C ILE C 9 2.75 26.08 7.45
N LYS C 10 3.08 27.34 7.18
CA LYS C 10 3.93 27.67 6.04
C LYS C 10 5.32 27.05 6.22
N ASP C 11 5.85 27.14 7.44
CA ASP C 11 7.12 26.50 7.78
C ASP C 11 7.10 24.99 7.51
N LEU C 12 5.99 24.35 7.87
CA LEU C 12 5.84 22.92 7.70
C LEU C 12 5.78 22.52 6.22
N TYR C 13 5.05 23.30 5.43
CA TYR C 13 5.00 23.09 3.98
C TYR C 13 6.41 23.14 3.40
N GLU C 14 7.19 24.10 3.86
CA GLU C 14 8.54 24.30 3.35
C GLU C 14 9.45 23.10 3.62
N TYR C 15 9.46 22.62 4.87
CA TYR C 15 10.24 21.44 5.23
C TYR C 15 9.70 20.18 4.56
N LEU C 16 8.40 20.17 4.32
CA LEU C 16 7.73 18.97 3.81
C LEU C 16 7.93 18.82 2.31
N CYS C 17 7.71 19.92 1.59
CA CYS C 17 7.71 19.89 0.14
C CYS C 17 8.90 20.60 -0.48
N ASN C 18 9.74 21.23 0.36
CA ASN C 18 10.90 21.97 -0.14
C ASN C 18 10.51 23.05 -1.16
N VAL C 19 9.44 23.77 -0.84
CA VAL C 19 8.96 24.88 -1.65
C VAL C 19 8.61 26.07 -0.77
N ARG C 20 9.24 27.22 -1.05
CA ARG C 20 8.86 28.48 -0.43
C ARG C 20 8.00 29.25 -1.41
N VAL C 21 6.85 29.76 -0.96
CA VAL C 21 6.06 30.70 -1.76
C VAL C 21 6.32 32.12 -1.25
N HIS C 22 7.21 32.82 -1.96
CA HIS C 22 7.71 34.11 -1.50
C HIS C 22 6.61 35.18 -1.45
N LYS C 23 6.06 35.52 -2.60
CA LYS C 23 4.98 36.52 -2.68
C LYS C 23 3.88 36.14 -3.68
N SER C 24 2.85 36.98 -3.77
CA SER C 24 1.69 36.70 -4.62
C SER C 24 1.20 37.95 -5.35
N TYR C 25 0.75 37.78 -6.59
CA TYR C 25 0.44 38.94 -7.42
C TYR C 25 -0.82 38.84 -8.24
N GLU C 26 -1.31 40.00 -8.66
CA GLU C 26 -2.44 40.08 -9.55
C GLU C 26 -2.14 41.18 -10.55
N ASP C 27 -2.24 40.84 -11.84
CA ASP C 27 -1.83 41.72 -12.93
C ASP C 27 -2.85 41.65 -14.03
N ASP C 28 -3.87 42.51 -13.99
CA ASP C 28 -5.02 42.29 -14.84
C ASP C 28 -5.31 40.80 -14.76
N SER C 29 -5.19 40.09 -15.87
CA SER C 29 -5.42 38.64 -15.87
C SER C 29 -4.35 37.83 -15.15
N GLY C 30 -4.64 37.47 -13.91
CA GLY C 30 -3.88 36.44 -13.25
C GLY C 30 -3.18 36.81 -11.97
N LEU C 31 -3.14 35.85 -11.06
CA LEU C 31 -2.29 36.00 -9.91
C LEU C 31 -1.00 35.18 -10.12
N TRP C 32 0.08 35.71 -9.56
CA TRP C 32 1.42 35.25 -9.88
C TRP C 32 2.17 34.89 -8.61
N PHE C 33 2.81 33.74 -8.61
CA PHE C 33 3.55 33.33 -7.42
C PHE C 33 5.05 33.22 -7.66
N ASP C 34 5.80 33.79 -6.72
CA ASP C 34 7.25 33.66 -6.70
C ASP C 34 7.57 32.38 -5.94
N ILE C 35 8.24 31.45 -6.61
CA ILE C 35 8.50 30.15 -6.02
C ILE C 35 9.97 29.81 -5.99
N SER C 36 10.39 29.21 -4.89
CA SER C 36 11.75 28.76 -4.69
C SER C 36 11.66 27.31 -4.30
N GLN C 37 12.40 26.45 -4.99
CA GLN C 37 12.37 25.02 -4.75
C GLN C 37 13.78 24.46 -4.69
N GLY C 38 14.02 23.59 -3.71
CA GLY C 38 15.32 22.98 -3.56
C GLY C 38 15.24 21.52 -3.15
N THR C 39 16.38 20.85 -3.21
CA THR C 39 16.51 19.48 -2.72
C THR C 39 17.46 19.46 -1.53
N TYR C 48 24.13 22.83 -3.09
CA TYR C 48 22.77 22.27 -3.00
C TYR C 48 21.76 23.11 -3.77
N SER C 49 21.25 22.55 -4.88
CA SER C 49 20.49 23.30 -5.86
C SER C 49 19.21 23.97 -5.36
N ILE C 50 18.93 25.15 -5.92
CA ILE C 50 17.63 25.79 -5.80
C ILE C 50 17.17 26.19 -7.19
N MET C 51 15.87 26.13 -7.42
CA MET C 51 15.29 26.65 -8.65
C MET C 51 14.24 27.69 -8.31
N ASP C 52 14.45 28.90 -8.79
CA ASP C 52 13.45 29.94 -8.68
C ASP C 52 12.59 29.92 -9.93
N TYR C 53 11.28 30.03 -9.75
CA TYR C 53 10.40 30.18 -10.88
C TYR C 53 9.12 30.89 -10.50
N LYS C 54 8.37 31.29 -11.51
CA LYS C 54 7.08 31.94 -11.33
C LYS C 54 5.98 31.02 -11.79
N LEU C 55 4.80 31.16 -11.18
CA LEU C 55 3.60 30.50 -11.64
C LEU C 55 2.51 31.55 -11.80
N GLY C 56 1.91 31.60 -12.98
CA GLY C 56 0.84 32.54 -13.24
C GLY C 56 -0.46 31.79 -13.47
N PHE C 57 -1.55 32.32 -12.94
CA PHE C 57 -2.84 31.65 -13.08
C PHE C 57 -3.82 32.49 -13.88
N VAL C 58 -4.21 31.96 -15.03
CA VAL C 58 -5.09 32.64 -15.96
C VAL C 58 -6.40 31.88 -16.12
N VAL C 64 -11.31 26.38 -18.15
CA VAL C 64 -10.32 25.49 -17.56
C VAL C 64 -9.11 26.28 -17.09
N THR C 65 -8.95 26.43 -15.77
CA THR C 65 -7.79 27.13 -15.24
C THR C 65 -6.57 26.60 -16.00
N GLU C 66 -5.69 27.52 -16.37
CA GLU C 66 -4.48 27.16 -17.08
C GLU C 66 -3.29 27.78 -16.37
N VAL C 67 -2.16 27.11 -16.41
CA VAL C 67 -0.98 27.56 -15.69
C VAL C 67 0.13 27.93 -16.64
N ILE C 68 0.84 29.00 -16.30
CA ILE C 68 2.01 29.42 -17.04
C ILE C 68 3.23 29.35 -16.13
N TYR C 69 4.22 28.57 -16.56
CA TYR C 69 5.44 28.41 -15.81
C TYR C 69 6.54 29.28 -16.41
N ALA C 70 7.32 29.93 -15.56
CA ALA C 70 8.43 30.76 -16.01
C ALA C 70 9.59 30.68 -15.03
N PRO C 71 10.74 30.19 -15.50
CA PRO C 71 11.92 30.13 -14.63
C PRO C 71 12.42 31.53 -14.32
N VAL C 72 13.05 31.70 -13.17
CA VAL C 72 13.63 32.98 -12.79
C VAL C 72 15.12 32.79 -12.58
N LEU C 73 15.92 33.37 -13.47
CA LEU C 73 17.36 33.12 -13.46
C LEU C 73 18.17 34.39 -13.19
N LYS C 74 17.63 35.27 -12.36
CA LYS C 74 18.31 36.54 -12.08
C LYS C 74 19.14 36.49 -10.79
N GLN C 75 18.85 35.52 -9.93
CA GLN C 75 19.56 35.37 -8.66
C GLN C 75 20.55 34.21 -8.69
N ARG C 76 20.70 33.58 -9.85
CA ARG C 76 21.64 32.48 -9.99
C ARG C 76 23.03 33.00 -10.38
N SER C 77 24.06 32.23 -10.00
CA SER C 77 25.41 32.50 -10.47
C SER C 77 25.63 31.65 -11.71
N THR C 78 26.65 31.98 -12.50
CA THR C 78 26.97 31.22 -13.70
C THR C 78 27.19 29.74 -13.40
N GLU C 79 27.85 29.46 -12.28
CA GLU C 79 28.14 28.07 -11.91
C GLU C 79 26.93 27.29 -11.40
N GLU C 80 25.94 27.98 -10.82
CA GLU C 80 24.69 27.32 -10.43
C GLU C 80 23.87 27.03 -11.69
N LEU C 81 23.80 28.03 -12.56
CA LEU C 81 23.07 27.92 -13.82
C LEU C 81 23.60 26.74 -14.63
N TYR C 82 24.92 26.64 -14.75
CA TYR C 82 25.55 25.51 -15.41
C TYR C 82 25.29 24.20 -14.68
N SER C 83 25.12 24.28 -13.36
CA SER C 83 24.81 23.10 -12.57
C SER C 83 23.37 22.66 -12.79
N LEU C 84 22.46 23.64 -12.82
CA LEU C 84 21.04 23.39 -13.08
C LEU C 84 20.83 22.81 -14.48
N GLN C 85 21.59 23.31 -15.45
CA GLN C 85 21.50 22.85 -16.83
C GLN C 85 21.86 21.38 -16.96
N SER C 86 22.73 20.91 -16.07
CA SER C 86 23.17 19.51 -16.07
C SER C 86 22.16 18.59 -15.40
N LYS C 87 21.30 19.18 -14.57
CA LYS C 87 20.24 18.42 -13.90
C LYS C 87 18.94 18.55 -14.66
N LEU C 88 18.44 19.78 -14.71
CA LEU C 88 17.12 20.07 -15.24
C LEU C 88 17.04 19.86 -16.74
N PRO C 89 15.96 19.22 -17.20
CA PRO C 89 15.66 19.10 -18.63
C PRO C 89 15.51 20.49 -19.23
N GLU C 90 15.90 20.63 -20.50
CA GLU C 90 15.93 21.94 -21.15
C GLU C 90 14.59 22.66 -21.11
N TYR C 91 13.49 21.92 -21.19
CA TYR C 91 12.17 22.56 -21.24
C TYR C 91 11.89 23.41 -20.01
N LEU C 92 12.64 23.18 -18.94
CA LEU C 92 12.48 23.92 -17.68
C LEU C 92 13.16 25.31 -17.67
N PHE C 93 13.86 25.64 -18.75
CA PHE C 93 14.46 26.95 -18.93
C PHE C 93 13.66 27.75 -19.94
N GLU C 94 12.54 27.17 -20.37
CA GLU C 94 11.57 27.84 -21.23
C GLU C 94 10.30 28.16 -20.47
N THR C 95 9.57 29.17 -20.94
CA THR C 95 8.25 29.47 -20.41
C THR C 95 7.26 28.45 -20.93
N LEU C 96 6.38 27.99 -20.06
CA LEU C 96 5.48 26.89 -20.39
C LEU C 96 4.04 27.21 -20.08
N SER C 97 3.14 26.47 -20.72
CA SER C 97 1.72 26.52 -20.42
C SER C 97 1.21 25.11 -20.28
N PHE C 98 0.39 24.88 -19.25
CA PHE C 98 -0.26 23.59 -19.05
C PHE C 98 -1.48 23.77 -18.16
N PRO C 99 -2.42 22.81 -18.21
CA PRO C 99 -3.58 22.83 -17.33
C PRO C 99 -3.21 22.54 -15.90
N LEU C 100 -3.91 23.18 -14.97
CA LEU C 100 -3.83 22.87 -13.55
C LEU C 100 -3.78 21.35 -13.33
N SER C 101 -4.56 20.65 -14.14
CA SER C 101 -4.73 19.19 -14.04
C SER C 101 -3.41 18.43 -13.98
N SER C 102 -2.35 19.07 -14.44
CA SER C 102 -1.03 18.45 -14.49
C SER C 102 0.00 19.28 -13.73
N LEU C 103 -0.46 20.22 -12.90
CA LEU C 103 0.47 21.05 -12.14
C LEU C 103 1.36 20.18 -11.25
N ASN C 104 0.76 19.16 -10.65
CA ASN C 104 1.50 18.35 -9.68
C ASN C 104 2.54 17.43 -10.31
N GLN C 105 2.16 16.73 -11.38
CA GLN C 105 3.11 15.90 -12.11
C GLN C 105 4.35 16.73 -12.44
N PHE C 106 4.14 18.04 -12.49
CA PHE C 106 5.15 18.98 -12.93
C PHE C 106 6.07 19.36 -11.79
N TYR C 107 5.49 19.61 -10.62
CA TYR C 107 6.27 19.82 -9.40
C TYR C 107 7.17 18.63 -9.17
N ASN C 108 6.62 17.44 -9.44
CA ASN C 108 7.37 16.21 -9.30
C ASN C 108 8.52 16.11 -10.30
N LYS C 109 8.28 16.56 -11.53
CA LYS C 109 9.35 16.64 -12.51
C LYS C 109 10.51 17.47 -11.97
N ILE C 110 10.19 18.66 -11.46
CA ILE C 110 11.20 19.55 -10.91
C ILE C 110 11.93 18.91 -9.73
N ALA C 111 11.17 18.26 -8.85
CA ALA C 111 11.74 17.64 -7.66
C ALA C 111 12.71 16.50 -7.99
N LYS C 112 12.33 15.62 -8.91
CA LYS C 112 13.18 14.50 -9.28
C LYS C 112 14.46 14.99 -9.97
N SER C 113 14.30 16.01 -10.81
CA SER C 113 15.43 16.58 -11.55
C SER C 113 16.44 17.22 -10.61
N LEU C 114 15.95 18.12 -9.75
CA LEU C 114 16.80 18.72 -8.73
C LEU C 114 17.48 17.62 -7.91
N ASN C 115 16.74 16.54 -7.67
CA ASN C 115 17.20 15.35 -6.92
C ASN C 115 16.42 15.14 -5.62
N SER D 6 -3.34 34.22 2.58
CA SER D 6 -2.75 32.98 3.09
C SER D 6 -3.61 31.77 2.73
N GLU D 7 -4.92 31.95 2.69
CA GLU D 7 -5.78 30.86 2.24
C GLU D 7 -5.43 30.54 0.78
N VAL D 8 -5.08 31.59 0.02
CA VAL D 8 -4.73 31.46 -1.40
C VAL D 8 -3.35 30.81 -1.65
N ILE D 9 -2.40 31.10 -0.76
CA ILE D 9 -1.07 30.48 -0.79
C ILE D 9 -1.19 29.02 -0.38
N LYS D 10 -2.22 28.75 0.42
CA LYS D 10 -2.49 27.41 0.93
C LYS D 10 -3.17 26.53 -0.10
N ASP D 11 -4.16 27.09 -0.78
CA ASP D 11 -4.77 26.47 -1.95
C ASP D 11 -3.67 26.18 -2.97
N LEU D 12 -2.64 27.02 -2.99
CA LEU D 12 -1.53 26.82 -3.92
C LEU D 12 -0.70 25.58 -3.59
N TYR D 13 -0.24 25.47 -2.36
CA TYR D 13 0.50 24.28 -1.93
C TYR D 13 -0.28 23.01 -2.25
N GLU D 14 -1.58 23.02 -1.98
CA GLU D 14 -2.40 21.84 -2.28
C GLU D 14 -2.29 21.43 -3.74
N TYR D 15 -2.47 22.40 -4.63
CA TYR D 15 -2.45 22.12 -6.05
C TYR D 15 -1.06 21.77 -6.55
N LEU D 16 -0.06 22.44 -6.00
CA LEU D 16 1.33 22.22 -6.40
C LEU D 16 1.88 20.91 -5.86
N CYS D 17 1.67 20.66 -4.57
CA CYS D 17 2.30 19.53 -3.89
C CYS D 17 1.30 18.43 -3.53
N ASN D 18 0.02 18.67 -3.81
CA ASN D 18 -1.01 17.68 -3.50
C ASN D 18 -1.02 17.26 -2.04
N VAL D 19 -0.88 18.23 -1.15
CA VAL D 19 -0.90 17.94 0.28
C VAL D 19 -1.58 19.07 1.05
N ARG D 20 -2.34 18.69 2.07
CA ARG D 20 -3.07 19.63 2.91
C ARG D 20 -2.57 19.54 4.34
N VAL D 21 -2.34 20.69 4.97
CA VAL D 21 -1.84 20.73 6.34
C VAL D 21 -2.76 21.53 7.25
N HIS D 22 -3.26 20.88 8.30
CA HIS D 22 -4.07 21.55 9.30
C HIS D 22 -3.47 21.34 10.68
N LYS D 23 -3.66 22.33 11.56
CA LYS D 23 -3.34 22.15 12.96
C LYS D 23 -4.23 21.05 13.49
N SER D 24 -3.72 20.27 14.44
CA SER D 24 -4.46 19.15 14.97
C SER D 24 -5.82 19.59 15.49
N TYR D 25 -6.85 18.78 15.24
CA TYR D 25 -8.17 19.04 15.78
C TYR D 25 -8.25 18.63 17.25
N GLU D 26 -7.44 17.65 17.62
CA GLU D 26 -7.51 17.01 18.93
C GLU D 26 -6.50 17.54 19.95
N ASP D 27 -5.43 18.14 19.44
CA ASP D 27 -4.36 18.68 20.29
C ASP D 27 -4.16 20.16 19.99
N ASP D 28 -3.86 20.95 21.02
CA ASP D 28 -3.67 22.39 20.86
C ASP D 28 -2.33 22.88 21.42
N SER D 29 -1.37 21.96 21.53
CA SER D 29 -0.01 22.32 21.97
C SER D 29 0.79 22.91 20.81
N GLY D 30 0.26 22.76 19.59
CA GLY D 30 0.92 23.25 18.41
C GLY D 30 2.09 22.38 17.95
N LEU D 31 2.09 21.12 18.38
CA LEU D 31 3.16 20.20 18.03
C LEU D 31 2.67 19.09 17.10
N TRP D 32 1.36 19.02 16.91
CA TRP D 32 0.79 18.00 16.04
C TRP D 32 -0.01 18.58 14.88
N PHE D 33 0.05 17.90 13.74
CA PHE D 33 -0.64 18.35 12.55
C PHE D 33 -1.32 17.21 11.81
N ASP D 34 -2.51 17.47 11.28
CA ASP D 34 -3.21 16.52 10.45
C ASP D 34 -2.84 16.76 9.00
N ILE D 35 -2.47 15.69 8.32
CA ILE D 35 -1.99 15.79 6.96
C ILE D 35 -2.83 14.92 6.03
N SER D 36 -3.30 15.52 4.95
CA SER D 36 -3.94 14.79 3.86
C SER D 36 -3.05 14.91 2.62
N GLN D 37 -2.54 13.77 2.16
CA GLN D 37 -1.79 13.71 0.92
C GLN D 37 -2.58 12.84 -0.06
N GLY D 38 -2.76 13.30 -1.29
CA GLY D 38 -3.60 12.60 -2.23
C GLY D 38 -3.55 13.05 -3.68
N THR D 39 -3.54 12.07 -4.57
CA THR D 39 -3.67 12.30 -6.00
C THR D 39 -5.07 11.88 -6.45
N ASP D 47 -7.38 6.91 -11.16
CA ASP D 47 -8.06 7.06 -9.89
C ASP D 47 -7.28 7.91 -8.91
N TYR D 48 -7.86 8.15 -7.74
CA TYR D 48 -7.23 8.95 -6.72
C TYR D 48 -6.94 8.05 -5.53
N SER D 49 -5.92 8.41 -4.77
CA SER D 49 -5.66 7.77 -3.48
C SER D 49 -5.28 8.84 -2.46
N ILE D 50 -5.90 8.77 -1.29
CA ILE D 50 -5.63 9.74 -0.23
C ILE D 50 -4.98 9.03 0.95
N MET D 51 -3.93 9.63 1.48
CA MET D 51 -3.34 9.13 2.71
C MET D 51 -3.47 10.20 3.78
N ASP D 52 -4.20 9.87 4.84
CA ASP D 52 -4.24 10.73 6.00
C ASP D 52 -3.21 10.22 7.00
N TYR D 53 -2.60 11.16 7.70
CA TYR D 53 -1.63 10.83 8.74
C TYR D 53 -1.36 12.06 9.59
N LYS D 54 -0.65 11.85 10.69
CA LYS D 54 -0.27 12.94 11.56
C LYS D 54 1.24 13.10 11.60
N LEU D 55 1.67 14.32 11.90
CA LEU D 55 3.07 14.59 12.17
C LEU D 55 3.18 15.29 13.51
N GLY D 56 4.01 14.74 14.38
CA GLY D 56 4.32 15.37 15.65
C GLY D 56 5.77 15.82 15.64
N PHE D 57 6.04 16.97 16.26
CA PHE D 57 7.39 17.48 16.31
C PHE D 57 7.92 17.55 17.74
N VAL D 58 9.00 16.81 17.98
CA VAL D 58 9.66 16.76 19.27
C VAL D 58 10.95 17.56 19.21
N LYS D 59 10.94 18.76 19.80
CA LYS D 59 12.10 19.62 19.87
C LYS D 59 12.61 19.66 21.30
N GLN D 63 18.42 18.54 20.54
CA GLN D 63 18.37 19.82 19.86
C GLN D 63 18.12 19.67 18.36
N VAL D 64 18.22 18.44 17.86
CA VAL D 64 17.80 18.14 16.50
C VAL D 64 16.33 17.72 16.53
N THR D 65 15.49 18.44 15.77
CA THR D 65 14.06 18.18 15.76
C THR D 65 13.76 16.77 15.27
N GLU D 66 12.95 16.05 16.02
CA GLU D 66 12.53 14.72 15.64
C GLU D 66 11.09 14.76 15.14
N VAL D 67 10.81 14.01 14.08
CA VAL D 67 9.47 13.98 13.50
C VAL D 67 8.82 12.63 13.77
N ILE D 68 7.59 12.63 14.26
CA ILE D 68 6.85 11.38 14.42
C ILE D 68 5.71 11.29 13.40
N TYR D 69 5.57 10.14 12.78
CA TYR D 69 4.55 9.92 11.76
C TYR D 69 3.56 8.88 12.24
N ALA D 70 2.28 9.23 12.26
CA ALA D 70 1.27 8.25 12.63
C ALA D 70 0.27 8.14 11.50
N PRO D 71 0.22 6.96 10.86
CA PRO D 71 -0.78 6.76 9.81
C PRO D 71 -2.16 6.96 10.40
N VAL D 72 -3.11 7.44 9.60
CA VAL D 72 -4.47 7.64 10.04
C VAL D 72 -5.43 7.04 9.02
N LEU D 73 -6.24 6.07 9.46
CA LEU D 73 -7.06 5.29 8.53
C LEU D 73 -8.56 5.34 8.79
N LYS D 74 -8.96 5.91 9.92
CA LYS D 74 -10.37 5.99 10.32
C LYS D 74 -11.31 6.36 9.17
N GLN D 75 -10.77 7.04 8.17
CA GLN D 75 -11.56 7.69 7.11
C GLN D 75 -11.61 6.88 5.80
N ARG D 76 -10.91 5.75 5.76
CA ARG D 76 -10.88 4.91 4.57
C ARG D 76 -12.06 3.95 4.48
N SER D 77 -12.72 3.93 3.33
CA SER D 77 -13.59 2.81 2.99
C SER D 77 -12.68 1.58 3.01
N THR D 78 -13.26 0.40 3.08
CA THR D 78 -12.46 -0.83 3.07
C THR D 78 -11.73 -0.99 1.73
N GLU D 79 -12.34 -0.47 0.67
CA GLU D 79 -11.78 -0.60 -0.67
C GLU D 79 -10.60 0.35 -0.91
N GLU D 80 -10.70 1.58 -0.41
CA GLU D 80 -9.59 2.53 -0.48
C GLU D 80 -8.33 1.94 0.16
N LEU D 81 -8.56 1.08 1.15
CA LEU D 81 -7.49 0.52 1.98
C LEU D 81 -6.77 -0.64 1.30
N TYR D 82 -7.51 -1.44 0.56
CA TYR D 82 -6.91 -2.46 -0.30
C TYR D 82 -5.98 -1.75 -1.27
N SER D 83 -6.49 -0.65 -1.82
CA SER D 83 -5.76 0.14 -2.80
C SER D 83 -4.44 0.63 -2.22
N LEU D 84 -4.53 1.25 -1.04
CA LEU D 84 -3.35 1.72 -0.32
C LEU D 84 -2.44 0.55 0.06
N GLN D 85 -3.03 -0.55 0.50
CA GLN D 85 -2.26 -1.73 0.84
C GLN D 85 -1.46 -2.24 -0.37
N SER D 86 -1.95 -1.94 -1.57
CA SER D 86 -1.30 -2.38 -2.81
C SER D 86 -0.07 -1.55 -3.18
N LYS D 87 -0.11 -0.26 -2.88
CA LYS D 87 0.87 0.72 -3.37
C LYS D 87 1.91 1.11 -2.33
N LEU D 88 1.46 1.21 -1.08
CA LEU D 88 2.30 1.70 0.00
C LEU D 88 3.17 0.61 0.60
N PRO D 89 4.46 0.92 0.79
CA PRO D 89 5.36 0.02 1.52
C PRO D 89 4.78 -0.24 2.91
N GLU D 90 4.92 -1.48 3.36
CA GLU D 90 4.59 -1.90 4.72
C GLU D 90 4.64 -0.83 5.82
N TYR D 91 5.77 -0.13 5.92
CA TYR D 91 6.09 0.74 7.06
C TYR D 91 5.31 2.06 7.11
N LEU D 92 4.57 2.37 6.05
CA LEU D 92 3.71 3.55 6.03
C LEU D 92 2.43 3.29 6.81
N PHE D 93 2.25 2.05 7.25
CA PHE D 93 1.09 1.67 8.05
C PHE D 93 1.43 1.55 9.52
N GLU D 94 2.69 1.83 9.85
CA GLU D 94 3.08 1.95 11.25
C GLU D 94 3.44 3.37 11.60
N THR D 95 3.73 3.58 12.87
CA THR D 95 4.23 4.85 13.36
C THR D 95 5.74 4.86 13.19
N LEU D 96 6.28 6.01 12.77
CA LEU D 96 7.69 6.13 12.47
C LEU D 96 8.30 7.35 13.15
N SER D 97 9.61 7.32 13.29
CA SER D 97 10.38 8.43 13.80
C SER D 97 11.55 8.69 12.84
N PHE D 98 11.87 9.96 12.64
CA PHE D 98 12.98 10.35 11.77
C PHE D 98 13.30 11.83 12.01
N PRO D 99 14.52 12.26 11.64
CA PRO D 99 14.88 13.67 11.82
C PRO D 99 14.10 14.56 10.86
N LEU D 100 13.97 15.83 11.23
CA LEU D 100 13.30 16.84 10.39
C LEU D 100 13.96 16.93 9.02
N SER D 101 15.27 16.73 8.98
CA SER D 101 16.05 16.89 7.74
C SER D 101 15.74 15.82 6.69
N SER D 102 14.98 14.81 7.08
CA SER D 102 14.58 13.72 6.19
C SER D 102 13.07 13.68 5.95
N LEU D 103 12.39 14.74 6.38
CA LEU D 103 10.94 14.87 6.21
C LEU D 103 10.53 14.97 4.73
N ASN D 104 11.24 15.78 3.96
CA ASN D 104 10.96 15.90 2.53
C ASN D 104 11.15 14.58 1.79
N GLN D 105 12.28 13.91 2.06
CA GLN D 105 12.52 12.57 1.55
C GLN D 105 11.28 11.72 1.81
N PHE D 106 10.78 11.83 3.04
CA PHE D 106 9.65 11.03 3.49
C PHE D 106 8.40 11.36 2.70
N TYR D 107 8.13 12.66 2.55
CA TYR D 107 7.01 13.12 1.74
C TYR D 107 7.11 12.59 0.31
N ASN D 108 8.34 12.46 -0.16
CA ASN D 108 8.60 11.94 -1.51
C ASN D 108 8.24 10.47 -1.65
N LYS D 109 8.57 9.68 -0.63
CA LYS D 109 8.22 8.27 -0.61
C LYS D 109 6.72 8.07 -0.74
N ILE D 110 5.97 8.85 0.03
CA ILE D 110 4.52 8.80 -0.01
C ILE D 110 3.98 9.23 -1.37
N ALA D 111 4.58 10.29 -1.92
CA ALA D 111 4.18 10.78 -3.23
C ALA D 111 4.47 9.76 -4.32
N LYS D 112 5.67 9.18 -4.30
CA LYS D 112 6.03 8.16 -5.26
C LYS D 112 5.18 6.91 -5.10
N SER D 113 4.72 6.66 -3.89
CA SER D 113 3.87 5.51 -3.61
C SER D 113 2.47 5.69 -4.22
N LEU D 114 1.87 6.84 -3.97
CA LEU D 114 0.54 7.16 -4.51
C LEU D 114 0.60 7.45 -6.00
N ASN D 115 1.79 7.78 -6.49
CA ASN D 115 1.98 8.14 -7.89
C ASN D 115 1.43 9.54 -8.20
OH2 1PE E . 9.88 -17.94 -9.25
C12 1PE E . 9.72 -16.57 -9.01
C22 1PE E . 8.77 -16.13 -7.90
OH3 1PE E . 9.18 -16.31 -6.57
C13 1PE E . 8.07 -16.84 -4.37
C23 1PE E . 8.31 -15.90 -5.55
OH4 1PE E . 9.11 -17.06 -3.47
C14 1PE E . 11.16 -18.45 -3.07
C24 1PE E . 9.66 -18.35 -3.34
OH5 1PE E . 11.84 -19.57 -3.58
C15 1PE E . 11.97 -20.20 -6.00
C25 1PE E . 12.55 -19.48 -4.79
OH6 1PE E . 12.83 -20.82 -6.92
C16 1PE E . 11.25 -20.49 -8.85
C26 1PE E . 12.67 -20.60 -8.29
OH7 1PE E . 10.55 -21.67 -9.13
OH2 1PE F . -1.62 -20.21 -11.46
C12 1PE F . -1.00 -19.12 -10.84
C22 1PE F . -1.18 -19.00 -9.33
OH3 1PE F . -2.16 -19.81 -8.78
C13 1PE F . -3.34 -20.38 -6.70
C23 1PE F . -3.00 -19.35 -7.76
OH4 1PE F . -2.75 -21.64 -6.87
C14 1PE F . -2.56 -24.07 -6.27
C24 1PE F . -3.37 -22.77 -6.33
OH5 1PE F . -3.16 -25.25 -6.73
C15 1PE F . -3.82 -26.43 -8.85
C25 1PE F . -2.77 -25.76 -7.98
OH6 1PE F . -3.52 -27.69 -9.38
C16 1PE F . -2.05 -26.76 -11.20
C26 1PE F . -3.00 -27.82 -10.68
OH7 1PE F . -2.61 -25.66 -11.87
OH2 1PE G . 4.66 -10.16 13.44
C12 1PE G . 3.78 -11.18 13.80
C22 1PE G . 3.34 -12.17 12.72
OH3 1PE G . 3.55 -11.82 11.38
C13 1PE G . 2.76 -11.42 9.05
C23 1PE G . 2.55 -12.06 10.42
OH4 1PE G . 1.92 -10.36 8.69
C14 1PE G . 3.24 -8.22 8.93
C24 1PE G . 2.45 -9.21 8.07
OH5 1PE G . 3.06 -6.86 8.69
C15 1PE G . 3.30 -5.25 10.58
C25 1PE G . 2.41 -6.08 9.66
OH6 1PE G . 4.58 -5.74 10.86
C16 1PE G . 5.52 -8.03 11.30
C26 1PE G . 4.77 -6.78 11.77
OH7 1PE G . 6.91 -8.08 11.47
OH2 1PE H . 21.67 35.64 -19.27
C12 1PE H . 22.73 35.10 -20.01
C22 1PE H . 24.13 35.66 -19.75
OH3 1PE H . 25.20 34.80 -20.01
C13 1PE H . 25.87 32.54 -19.20
C23 1PE H . 24.95 33.42 -20.04
OH4 1PE H . 25.28 31.67 -18.28
C14 1PE H . 23.55 29.92 -18.64
C24 1PE H . 25.01 30.35 -18.66
OH5 1PE H . 22.66 30.71 -19.36
C15 1PE H . 20.47 30.00 -20.35
C25 1PE H . 21.28 30.55 -19.17
OH6 1PE H . 19.29 29.32 -20.05
C16 1PE H . 18.35 28.37 -22.19
C26 1PE H . 18.24 29.30 -20.98
OH7 1PE H . 17.17 28.04 -22.86
OH2 1PE I . 20.70 26.84 2.13
C12 1PE I . 19.40 26.40 1.89
C22 1PE I . 18.27 27.05 2.69
OH3 1PE I . 17.06 27.26 2.02
C13 1PE I . 15.72 28.28 0.17
C23 1PE I . 17.06 27.97 0.82
OH4 1PE I . 15.05 27.25 -0.49
C14 1PE I . 13.13 25.62 -0.41
C24 1PE I . 13.68 27.04 -0.24
OH5 1PE I . 12.69 24.96 0.74
C15 1PE I . 13.20 24.46 3.17
C25 1PE I . 13.64 24.60 1.71
OH6 1PE I . 14.17 24.08 4.12
C16 1PE I . 13.96 26.00 5.73
C26 1PE I . 14.81 25.03 4.92
OH7 1PE I . 13.25 26.99 5.03
OH2 1PE J . -6.78 12.96 21.73
C12 1PE J . -5.74 13.79 22.17
C22 1PE J . -4.55 13.96 21.23
OH3 1PE J . -3.39 14.59 21.71
C13 1PE J . -2.21 13.72 19.68
C23 1PE J . -2.17 14.28 21.11
OH4 1PE J . -1.25 12.76 19.34
C14 1PE J . -1.00 10.46 18.40
C24 1PE J . -1.49 11.89 18.27
OH5 1PE J . -1.92 9.43 18.20
C15 1PE J . -3.08 7.85 16.65
C25 1PE J . -1.84 8.63 17.06
OH6 1PE J . -3.48 7.96 15.32
C16 1PE J . -5.60 8.51 14.11
C26 1PE J . -4.77 7.54 14.95
OH7 1PE J . -6.74 9.06 14.73
OH2 1PE K . 9.55 27.21 16.69
C12 1PE K . 9.30 26.13 17.55
C22 1PE K . 7.94 26.06 18.22
OH3 1PE K . 6.82 25.80 17.42
C13 1PE K . 6.83 23.88 15.78
C23 1PE K . 6.42 24.50 17.12
OH4 1PE K . 5.94 23.04 15.09
C14 1PE K . 7.09 22.91 12.84
C24 1PE K . 6.45 22.23 14.04
OH5 1PE K . 8.18 22.32 12.18
C15 1PE K . 10.50 23.22 11.76
C25 1PE K . 9.01 23.15 11.41
OH6 1PE K . 10.80 23.33 13.12
C16 1PE K . 12.29 24.68 14.57
C26 1PE K . 12.12 23.59 13.53
OH7 1PE K . 11.34 25.71 14.59
OH2 1PE L . 12.92 8.55 -8.96
C12 1PE L . 13.81 9.00 -7.98
C22 1PE L . 14.05 10.51 -7.89
OH3 1PE L . 14.46 11.06 -6.68
C13 1PE L . 12.46 12.58 -6.52
C23 1PE L . 13.54 11.72 -5.85
OH4 1PE L . 11.54 13.21 -5.68
C14 1PE L . 9.07 13.65 -5.88
C24 1PE L . 10.23 12.71 -5.55
OH5 1PE L . 7.98 13.18 -6.62
C15 1PE L . 6.17 11.52 -7.04
C25 1PE L . 7.07 12.28 -6.07
OH6 1PE L . 6.78 10.93 -8.14
C16 1PE L . 6.99 8.50 -8.66
C26 1PE L . 6.21 9.81 -8.76
OH7 1PE L . 8.08 8.31 -9.53
OH2 1PE M . 15.71 5.04 2.72
C12 1PE M . 15.96 6.41 2.53
C22 1PE M . 15.91 7.29 3.78
OH3 1PE M . 15.36 8.58 3.69
C13 1PE M . 13.13 9.29 4.63
C23 1PE M . 14.64 9.10 4.78
OH4 1PE M . 12.30 8.97 5.70
C14 1PE M . 11.41 7.03 7.03
C24 1PE M . 11.58 7.77 5.70
OH5 1PE M . 11.83 5.69 7.09
C15 1PE M . 11.77 4.02 5.24
C25 1PE M . 11.11 4.67 6.46
OH6 1PE M . 12.65 2.95 5.45
C16 1PE M . 12.92 2.67 2.99
C26 1PE M . 13.49 2.58 4.40
OH7 1PE M . 13.68 3.33 2.01
OH2 1PE N . 14.03 14.49 19.92
C12 1PE N . 14.54 13.19 19.90
C22 1PE N . 16.01 12.99 20.21
OH3 1PE N . 16.93 13.76 19.49
C13 1PE N . 16.43 13.48 17.03
C23 1PE N . 17.37 13.35 18.23
OH4 1PE N . 16.62 12.59 15.96
C14 1PE N . 15.66 10.57 14.84
C24 1PE N . 15.51 12.00 15.35
OH5 1PE N . 14.57 9.70 14.99
C15 1PE N . 15.02 8.44 17.11
C25 1PE N . 14.75 8.46 15.61
OH6 1PE N . 16.14 7.73 17.58
C16 1PE N . 17.76 7.58 19.51
C26 1PE N . 17.04 8.39 18.42
OH7 1PE N . 18.62 8.26 20.36
#